data_7YLS
#
_entry.id   7YLS
#
_cell.length_a   135.613
_cell.length_b   135.613
_cell.length_c   135.613
_cell.angle_alpha   90.000
_cell.angle_beta   90.000
_cell.angle_gamma   90.000
#
_symmetry.space_group_name_H-M   'P 2 3'
#
loop_
_entity.id
_entity.type
_entity.pdbx_description
1 polymer 'Aromatic-ring-hydroxylating dioxygenase beta subunit'
2 polymer 'Rieske (2Fe-2S) domain protein'
3 non-polymer 'ACETATE ION'
4 non-polymer 'FE2/S2 (INORGANIC) CLUSTER'
5 non-polymer GLYCEROL
6 non-polymer 'FE (III) ION'
7 water water
#
loop_
_entity_poly.entity_id
_entity_poly.type
_entity_poly.pdbx_seq_one_letter_code
_entity_poly.pdbx_strand_id
1 'polypeptide(L)'
;MAGTEVTRQDLIDFVVNEAHLLDTRRYEEWNALFTDDAFYWVPLVPDQEDGLNHTSHLYEDKLLRELRIERLKSPRAFSQ
QPPSRCHHLLQVPVVEQFDAEGNRFVLRTGFHYTESQGDELQFYVGTFFHHLTVRDGALRMTLKRVNLLNCDAALPAVQL
FI
;
A
2 'polypeptide(L)'
;MTSYRDNPDAIRALVQDDRVHRDLYTSQELFELEQEHFFANTWNYVGHESQLPKPGDWISNEIAGRPLIVARHSDGSVRA
MMNRCAHKGSRLVNGPCGNTGKFFRCPYHAWTFKTDGSLLAIPLKTGYENTALHECESAKGLTTLRYVRSHRGFIFVKIS
DAGPDFDDYFGDSLSSIDNMADRSPEGELEIAGGCLRFMHQCNWKMFVENLNDTMHPMVAHESSAGTAKRMWADKPEDEP
KPMAVEQFAPFMSDYKFFEDMGIRTYDNGHSFTGVHFSIHSKYKAIPAYDDAMKARYGEAKTAQILGMARHNTVYYPNLT
IKGAIQAIRVVKPISADRTLIESWTFRLKGAPPELLQRTTMYNRLINSPFSVVGHDDLQAYRGMQAGLHASGNEWVSLHR
NYDPSELKGGEITTGGTNELPMRNQYRAWVQRMTETM
;
B
#
loop_
_chem_comp.id
_chem_comp.type
_chem_comp.name
_chem_comp.formula
ACT non-polymer 'ACETATE ION' 'C2 H3 O2 -1'
FE non-polymer 'FE (III) ION' 'Fe 3'
FES non-polymer 'FE2/S2 (INORGANIC) CLUSTER' 'Fe2 S2'
GOL non-polymer GLYCEROL 'C3 H8 O3'
#
# COMPACT_ATOMS: atom_id res chain seq x y z
N GLU A 5 -8.88 9.83 46.10
CA GLU A 5 -9.11 8.48 46.61
C GLU A 5 -8.58 7.39 45.63
N VAL A 6 -8.22 7.81 44.42
CA VAL A 6 -7.58 6.89 43.48
C VAL A 6 -6.26 6.41 44.05
N THR A 7 -6.01 5.10 43.98
CA THR A 7 -4.74 4.53 44.40
C THR A 7 -3.94 4.10 43.18
N ARG A 8 -2.64 3.85 43.40
CA ARG A 8 -1.85 3.30 42.30
C ARG A 8 -2.32 1.91 41.91
N GLN A 9 -2.78 1.12 42.89
CA GLN A 9 -3.25 -0.21 42.57
C GLN A 9 -4.56 -0.16 41.79
N ASP A 10 -5.42 0.84 42.04
CA ASP A 10 -6.61 0.98 41.19
C ASP A 10 -6.23 1.26 39.74
N LEU A 11 -5.20 2.06 39.52
CA LEU A 11 -4.71 2.33 38.17
C LEU A 11 -4.21 1.05 37.50
N ILE A 12 -3.39 0.27 38.22
CA ILE A 12 -2.90 -0.99 37.69
C ILE A 12 -4.07 -1.94 37.41
N ASP A 13 -4.99 -2.06 38.38
CA ASP A 13 -6.15 -2.93 38.22
C ASP A 13 -6.96 -2.56 36.98
N PHE A 14 -7.04 -1.27 36.68
CA PHE A 14 -7.78 -0.83 35.50
C PHE A 14 -7.18 -1.40 34.24
N VAL A 15 -5.86 -1.28 34.08
CA VAL A 15 -5.18 -1.75 32.87
C VAL A 15 -5.29 -3.26 32.73
N VAL A 16 -5.07 -3.99 33.83
CA VAL A 16 -5.25 -5.45 33.82
C VAL A 16 -6.66 -5.81 33.38
N ASN A 17 -7.67 -5.13 33.91
CA ASN A 17 -9.04 -5.51 33.57
C ASN A 17 -9.41 -5.15 32.13
N GLU A 18 -8.90 -4.04 31.63
CA GLU A 18 -9.11 -3.65 30.24
C GLU A 18 -8.66 -4.74 29.28
N ALA A 19 -7.49 -5.31 29.52
CA ALA A 19 -7.04 -6.41 28.66
C ALA A 19 -7.90 -7.64 28.84
N HIS A 20 -8.37 -7.88 30.07
CA HIS A 20 -9.24 -9.03 30.32
C HIS A 20 -10.56 -8.89 29.56
N LEU A 21 -11.11 -7.67 29.50
CA LEU A 21 -12.35 -7.48 28.75
C LEU A 21 -12.15 -7.81 27.28
N LEU A 22 -11.04 -7.34 26.69
CA LEU A 22 -10.73 -7.65 25.30
C LEU A 22 -10.59 -9.15 25.05
N ASP A 23 -9.92 -9.87 25.97
CA ASP A 23 -9.71 -11.32 25.79
C ASP A 23 -10.99 -12.13 25.99
N THR A 24 -12.01 -11.54 26.62
CA THR A 24 -13.27 -12.21 26.87
C THR A 24 -14.40 -11.67 25.99
N ARG A 25 -14.06 -10.91 24.96
CA ARG A 25 -15.03 -10.45 23.96
C ARG A 25 -16.08 -9.51 24.56
N ARG A 26 -15.74 -8.82 25.66
CA ARG A 26 -16.66 -7.88 26.30
C ARG A 26 -16.43 -6.48 25.73
N TYR A 27 -16.67 -6.36 24.42
CA TYR A 27 -16.24 -5.19 23.67
C TYR A 27 -17.05 -3.96 23.99
N GLU A 28 -18.34 -4.13 24.27
CA GLU A 28 -19.17 -2.98 24.61
C GLU A 28 -18.75 -2.40 25.95
N GLU A 29 -18.48 -3.25 26.92
CA GLU A 29 -17.98 -2.75 28.21
C GLU A 29 -16.61 -2.12 28.06
N TRP A 30 -15.74 -2.72 27.22
CA TRP A 30 -14.44 -2.13 26.95
C TRP A 30 -14.59 -0.72 26.38
N ASN A 31 -15.39 -0.59 25.33
CA ASN A 31 -15.56 0.70 24.68
C ASN A 31 -16.04 1.76 25.68
N ALA A 32 -16.87 1.36 26.64
CA ALA A 32 -17.37 2.30 27.62
C ALA A 32 -16.29 2.81 28.56
N LEU A 33 -15.14 2.13 28.60
CA LEU A 33 -14.00 2.58 29.42
C LEU A 33 -13.37 3.86 28.90
N PHE A 34 -13.55 4.18 27.62
CA PHE A 34 -13.01 5.41 27.06
C PHE A 34 -13.91 6.61 27.36
N THR A 35 -13.31 7.79 27.56
CA THR A 35 -14.13 9.00 27.50
C THR A 35 -14.61 9.21 26.06
N ASP A 36 -15.71 9.96 25.91
CA ASP A 36 -16.32 10.10 24.60
C ASP A 36 -15.38 10.74 23.59
N ASP A 37 -14.42 11.54 24.05
CA ASP A 37 -13.48 12.18 23.15
C ASP A 37 -12.15 11.47 23.04
N ALA A 38 -12.00 10.28 23.64
CA ALA A 38 -10.71 9.60 23.65
C ALA A 38 -10.38 8.96 22.30
N PHE A 39 -9.09 8.71 22.07
CA PHE A 39 -8.62 7.97 20.92
C PHE A 39 -7.91 6.69 21.35
N TYR A 40 -8.02 5.68 20.49
CA TYR A 40 -7.35 4.41 20.59
C TYR A 40 -6.35 4.35 19.44
N TRP A 41 -5.06 4.40 19.79
CA TRP A 41 -4.01 4.77 18.84
C TRP A 41 -2.97 3.66 18.75
N VAL A 42 -2.78 3.12 17.56
CA VAL A 42 -1.68 2.19 17.28
C VAL A 42 -0.76 2.84 16.26
N PRO A 43 0.34 3.49 16.68
CA PRO A 43 1.22 4.16 15.71
C PRO A 43 1.85 3.24 14.68
N LEU A 44 2.25 3.86 13.58
CA LEU A 44 2.96 3.16 12.53
C LEU A 44 4.48 3.15 12.74
N VAL A 45 5.07 4.19 13.32
CA VAL A 45 6.53 4.24 13.44
C VAL A 45 6.90 4.41 14.90
N PRO A 46 8.09 3.96 15.31
CA PRO A 46 8.56 4.27 16.67
C PRO A 46 8.65 5.77 16.93
N ASP A 47 8.39 6.12 18.19
CA ASP A 47 8.43 7.51 18.64
C ASP A 47 7.62 8.44 17.73
N GLN A 48 6.52 7.95 17.19
CA GLN A 48 5.64 8.79 16.38
C GLN A 48 5.13 9.98 17.17
N GLU A 49 5.14 11.16 16.53
CA GLU A 49 4.84 12.41 17.23
C GLU A 49 3.36 12.54 17.55
N ASP A 50 2.49 12.27 16.59
CA ASP A 50 1.07 12.44 16.79
C ASP A 50 0.33 11.59 15.77
N GLY A 51 -0.99 11.49 15.97
CA GLY A 51 -1.84 10.72 15.10
C GLY A 51 -2.60 11.52 14.07
N LEU A 52 -2.27 12.81 13.91
CA LEU A 52 -2.93 13.73 12.99
C LEU A 52 -2.16 13.93 11.69
N ASN A 53 -0.83 14.12 11.76
CA ASN A 53 -0.03 14.47 10.58
C ASN A 53 0.83 13.34 10.06
N HIS A 54 0.72 12.17 10.65
CA HIS A 54 1.47 10.97 10.28
C HIS A 54 0.47 9.82 10.30
N THR A 55 0.60 8.91 9.34
CA THR A 55 -0.27 7.73 9.32
C THR A 55 -0.05 6.88 10.54
N SER A 56 -1.13 6.24 10.95
CA SER A 56 -1.14 5.21 11.99
C SER A 56 -1.86 3.97 11.49
N HIS A 57 -1.66 2.86 12.21
CA HIS A 57 -2.48 1.68 11.93
C HIS A 57 -3.89 1.89 12.42
N LEU A 58 -4.04 2.45 13.61
CA LEU A 58 -5.33 2.77 14.19
C LEU A 58 -5.25 4.12 14.89
N TYR A 59 -6.30 4.95 14.75
CA TYR A 59 -6.40 6.24 15.46
C TYR A 59 -7.90 6.45 15.59
N GLU A 60 -8.53 5.64 16.44
CA GLU A 60 -9.96 5.43 16.37
C GLU A 60 -10.67 6.27 17.43
N ASP A 61 -11.61 7.11 17.00
CA ASP A 61 -12.51 7.77 17.94
C ASP A 61 -13.66 6.83 18.30
N LYS A 62 -14.61 7.35 19.06
CA LYS A 62 -15.70 6.50 19.55
C LYS A 62 -16.48 5.91 18.38
N LEU A 63 -16.75 6.70 17.35
CA LEU A 63 -17.49 6.19 16.19
C LEU A 63 -16.76 5.00 15.55
N LEU A 64 -15.44 5.11 15.38
CA LEU A 64 -14.72 4.05 14.68
C LEU A 64 -14.64 2.79 15.55
N ARG A 65 -14.47 2.97 16.86
CA ARG A 65 -14.48 1.82 17.76
C ARG A 65 -15.83 1.12 17.68
N GLU A 66 -16.92 1.89 17.69
CA GLU A 66 -18.25 1.28 17.63
C GLU A 66 -18.48 0.58 16.30
N LEU A 67 -18.04 1.21 15.20
CA LEU A 67 -18.16 0.58 13.89
C LEU A 67 -17.47 -0.77 13.87
N ARG A 68 -16.23 -0.83 14.37
CA ARG A 68 -15.51 -2.10 14.34
C ARG A 68 -16.20 -3.13 15.22
N ILE A 69 -16.67 -2.72 16.38
CA ILE A 69 -17.33 -3.68 17.26
C ILE A 69 -18.61 -4.21 16.63
N GLU A 70 -19.44 -3.32 16.09
CA GLU A 70 -20.71 -3.77 15.51
C GLU A 70 -20.49 -4.65 14.29
N ARG A 71 -19.48 -4.35 13.47
CA ARG A 71 -19.17 -5.16 12.30
C ARG A 71 -18.86 -6.61 12.68
N LEU A 72 -18.20 -6.84 13.82
CA LEU A 72 -17.95 -8.22 14.26
C LEU A 72 -19.22 -9.00 14.54
N LYS A 73 -20.36 -8.34 14.69
CA LYS A 73 -21.60 -9.08 14.89
C LYS A 73 -22.24 -9.50 13.57
N SER A 74 -21.73 -9.05 12.46
CA SER A 74 -22.43 -9.24 11.19
C SER A 74 -22.30 -10.68 10.70
N PRO A 75 -23.38 -11.29 10.21
CA PRO A 75 -23.26 -12.61 9.58
C PRO A 75 -22.50 -12.56 8.29
N ARG A 76 -22.22 -11.37 7.75
CA ARG A 76 -21.45 -11.26 6.51
C ARG A 76 -20.10 -10.59 6.72
N ALA A 77 -19.57 -10.64 7.95
CA ALA A 77 -18.16 -10.31 8.24
C ALA A 77 -17.32 -11.53 7.85
N PHE A 78 -17.12 -11.70 6.53
CA PHE A 78 -16.48 -12.91 6.00
C PHE A 78 -15.07 -13.08 6.54
N SER A 79 -14.35 -11.97 6.79
CA SER A 79 -12.98 -12.11 7.29
C SER A 79 -12.91 -12.65 8.71
N GLN A 80 -14.03 -12.77 9.42
CA GLN A 80 -14.13 -13.35 10.77
C GLN A 80 -14.92 -14.66 10.75
N GLN A 81 -14.74 -15.42 9.67
CA GLN A 81 -15.32 -16.76 9.57
C GLN A 81 -14.16 -17.71 9.35
N PRO A 82 -13.70 -18.44 10.40
CA PRO A 82 -14.20 -18.46 11.80
C PRO A 82 -13.67 -17.25 12.56
N PRO A 83 -14.26 -16.90 13.70
CA PRO A 83 -13.78 -15.73 14.45
C PRO A 83 -12.35 -15.90 14.93
N SER A 84 -11.59 -14.83 14.80
CA SER A 84 -10.30 -14.73 15.46
C SER A 84 -10.48 -14.73 16.98
N ARG A 85 -9.38 -15.04 17.68
CA ARG A 85 -9.32 -15.00 19.14
C ARG A 85 -8.03 -14.29 19.53
N CYS A 86 -8.03 -13.65 20.69
CA CYS A 86 -6.81 -13.02 21.21
C CYS A 86 -6.56 -13.30 22.68
N HIS A 87 -5.30 -13.03 23.04
CA HIS A 87 -4.78 -13.18 24.38
C HIS A 87 -3.75 -12.09 24.63
N HIS A 88 -3.89 -11.43 25.77
CA HIS A 88 -2.90 -10.46 26.23
C HIS A 88 -2.16 -11.04 27.43
N LEU A 89 -0.84 -11.01 27.40
CA LEU A 89 -0.02 -11.22 28.59
C LEU A 89 0.63 -9.90 28.99
N LEU A 90 0.39 -9.45 30.22
CA LEU A 90 0.89 -8.16 30.67
C LEU A 90 2.02 -8.31 31.70
N GLN A 91 3.04 -7.49 31.55
CA GLN A 91 3.93 -7.11 32.65
C GLN A 91 3.20 -6.11 33.54
N VAL A 92 3.48 -6.15 34.85
CA VAL A 92 2.80 -5.23 35.75
C VAL A 92 2.89 -3.79 35.23
N PRO A 93 1.76 -3.07 35.12
CA PRO A 93 1.83 -1.66 34.72
C PRO A 93 2.70 -0.86 35.66
N VAL A 94 3.44 0.08 35.09
CA VAL A 94 4.27 1.02 35.82
C VAL A 94 3.60 2.38 35.75
N VAL A 95 3.44 3.01 36.91
CA VAL A 95 2.83 4.35 36.97
C VAL A 95 3.90 5.40 36.69
N GLU A 96 3.78 6.06 35.55
CA GLU A 96 4.74 7.09 35.14
C GLU A 96 4.36 8.47 35.68
N GLN A 97 3.07 8.76 35.77
CA GLN A 97 2.59 10.06 36.22
C GLN A 97 1.36 9.86 37.08
N PHE A 98 1.36 10.46 38.27
CA PHE A 98 0.26 10.35 39.21
C PHE A 98 -0.04 11.78 39.65
N ASP A 99 -1.09 12.37 39.06
CA ASP A 99 -1.50 13.75 39.33
C ASP A 99 -2.97 13.76 39.75
N ALA A 100 -3.22 13.47 41.03
CA ALA A 100 -4.60 13.47 41.52
C ALA A 100 -5.21 14.87 41.45
N GLU A 101 -4.43 15.92 41.74
CA GLU A 101 -4.97 17.26 41.69
C GLU A 101 -5.44 17.61 40.28
N GLY A 102 -4.61 17.28 39.28
CA GLY A 102 -4.95 17.50 37.90
C GLY A 102 -5.80 16.43 37.29
N ASN A 103 -6.20 15.45 38.09
CA ASN A 103 -6.98 14.31 37.60
C ASN A 103 -6.36 13.74 36.33
N ARG A 104 -5.08 13.40 36.42
CA ARG A 104 -4.33 12.88 35.29
C ARG A 104 -3.40 11.76 35.76
N PHE A 105 -3.41 10.64 35.04
CA PHE A 105 -2.58 9.49 35.37
C PHE A 105 -2.08 8.85 34.09
N VAL A 106 -0.82 8.42 34.09
CA VAL A 106 -0.20 7.78 32.93
C VAL A 106 0.51 6.50 33.37
N LEU A 107 0.17 5.39 32.73
CA LEU A 107 0.81 4.12 33.02
C LEU A 107 1.53 3.62 31.79
N ARG A 108 2.57 2.82 32.01
CA ARG A 108 3.36 2.18 30.97
C ARG A 108 3.36 0.68 31.21
N THR A 109 2.89 -0.10 30.24
CA THR A 109 2.65 -1.54 30.42
C THR A 109 3.17 -2.33 29.24
N GLY A 110 4.13 -3.20 29.50
CA GLY A 110 4.60 -4.10 28.47
C GLY A 110 3.60 -5.20 28.22
N PHE A 111 3.58 -5.68 26.97
CA PHE A 111 2.63 -6.71 26.62
C PHE A 111 3.18 -7.66 25.55
N HIS A 112 2.62 -8.87 25.57
CA HIS A 112 2.68 -9.88 24.51
C HIS A 112 1.23 -10.11 24.08
N TYR A 113 0.93 -9.90 22.81
CA TYR A 113 -0.42 -10.03 22.28
C TYR A 113 -0.42 -11.13 21.23
N THR A 114 -1.32 -12.09 21.36
CA THR A 114 -1.46 -13.19 20.43
C THR A 114 -2.82 -13.09 19.77
N GLU A 115 -2.88 -13.33 18.46
CA GLU A 115 -4.14 -13.41 17.76
C GLU A 115 -4.14 -14.64 16.88
N SER A 116 -5.20 -15.42 16.97
CA SER A 116 -5.23 -16.67 16.22
C SER A 116 -6.52 -16.71 15.42
N GLN A 117 -6.48 -17.42 14.31
CA GLN A 117 -7.68 -17.68 13.52
C GLN A 117 -7.54 -19.08 12.96
N GLY A 118 -8.42 -19.99 13.34
CA GLY A 118 -8.28 -21.37 12.90
C GLY A 118 -6.93 -21.92 13.37
N ASP A 119 -6.17 -22.47 12.42
CA ASP A 119 -4.84 -23.04 12.72
C ASP A 119 -3.70 -22.02 12.52
N GLU A 120 -4.00 -20.76 12.33
CA GLU A 120 -2.99 -19.72 12.15
C GLU A 120 -2.90 -18.87 13.40
N LEU A 121 -1.69 -18.39 13.66
CA LEU A 121 -1.43 -17.63 14.86
C LEU A 121 -0.31 -16.64 14.61
N GLN A 122 -0.45 -15.43 15.15
CA GLN A 122 0.59 -14.42 15.12
C GLN A 122 0.70 -13.84 16.52
N PHE A 123 1.89 -13.33 16.86
CA PHE A 123 2.04 -12.60 18.10
C PHE A 123 2.80 -11.31 17.88
N TYR A 124 2.59 -10.37 18.77
CA TYR A 124 3.21 -9.05 18.71
C TYR A 124 3.58 -8.63 20.12
N VAL A 125 4.71 -7.93 20.26
CA VAL A 125 5.11 -7.43 21.58
C VAL A 125 5.22 -5.93 21.49
N GLY A 126 5.08 -5.28 22.66
CA GLY A 126 5.14 -3.84 22.68
C GLY A 126 4.89 -3.29 24.07
N THR A 127 4.55 -2.00 24.11
CA THR A 127 4.27 -1.26 25.33
C THR A 127 3.03 -0.42 25.14
N PHE A 128 2.12 -0.50 26.12
CA PHE A 128 0.98 0.39 26.20
C PHE A 128 1.32 1.64 26.98
N PHE A 129 0.77 2.77 26.56
CA PHE A 129 0.67 3.94 27.41
C PHE A 129 -0.80 4.26 27.59
N HIS A 130 -1.27 4.18 28.82
CA HIS A 130 -2.65 4.49 29.17
C HIS A 130 -2.69 5.86 29.84
N HIS A 131 -3.48 6.78 29.30
CA HIS A 131 -3.81 8.04 29.97
C HIS A 131 -5.18 7.90 30.60
N LEU A 132 -5.23 7.96 31.92
CA LEU A 132 -6.45 7.73 32.69
C LEU A 132 -6.88 9.00 33.42
N THR A 133 -8.17 9.09 33.68
CA THR A 133 -8.77 10.20 34.41
C THR A 133 -10.03 9.68 35.11
N VAL A 134 -10.50 10.43 36.10
CA VAL A 134 -11.75 10.12 36.79
C VAL A 134 -12.87 10.97 36.22
N ARG A 135 -13.94 10.31 35.78
CA ARG A 135 -15.17 10.95 35.34
C ARG A 135 -16.32 10.27 36.06
N ASP A 136 -17.05 11.03 36.89
CA ASP A 136 -18.25 10.56 37.60
C ASP A 136 -17.92 9.43 38.58
N GLY A 137 -16.76 9.54 39.22
CA GLY A 137 -16.32 8.56 40.20
C GLY A 137 -15.67 7.32 39.61
N ALA A 138 -15.50 7.24 38.30
CA ALA A 138 -14.97 6.05 37.65
C ALA A 138 -13.76 6.39 36.80
N LEU A 139 -12.78 5.49 36.77
CA LEU A 139 -11.62 5.67 35.91
C LEU A 139 -12.05 5.46 34.46
N ARG A 140 -11.51 6.30 33.57
CA ARG A 140 -11.76 6.20 32.14
C ARG A 140 -10.45 6.51 31.40
N MET A 141 -10.34 5.99 30.17
CA MET A 141 -9.17 6.28 29.35
C MET A 141 -9.44 7.49 28.48
N THR A 142 -8.52 8.46 28.52
CA THR A 142 -8.53 9.56 27.54
C THR A 142 -7.63 9.28 26.35
N LEU A 143 -6.72 8.30 26.47
CA LEU A 143 -5.89 7.83 25.37
C LEU A 143 -5.39 6.43 25.71
N LYS A 144 -5.43 5.52 24.75
CA LYS A 144 -4.66 4.27 24.82
C LYS A 144 -3.75 4.27 23.61
N ARG A 145 -2.44 4.26 23.86
CA ARG A 145 -1.43 4.23 22.81
C ARG A 145 -0.73 2.87 22.87
N VAL A 146 -0.68 2.19 21.73
CA VAL A 146 -0.11 0.85 21.61
C VAL A 146 1.14 0.97 20.74
N ASN A 147 2.33 0.93 21.36
CA ASN A 147 3.60 0.97 20.64
C ASN A 147 4.05 -0.47 20.38
N LEU A 148 3.87 -0.96 19.14
CA LEU A 148 4.38 -2.27 18.76
C LEU A 148 5.86 -2.17 18.39
N LEU A 149 6.63 -3.15 18.85
CA LEU A 149 8.05 -3.21 18.54
C LEU A 149 8.27 -3.09 17.05
N ASN A 150 7.47 -3.82 16.27
CA ASN A 150 7.64 -3.91 14.83
C ASN A 150 6.48 -3.26 14.08
N CYS A 151 5.99 -2.13 14.57
CA CYS A 151 4.88 -1.41 13.94
C CYS A 151 5.11 -1.12 12.46
N ASP A 152 6.36 -0.86 12.06
CA ASP A 152 6.65 -0.44 10.71
C ASP A 152 7.08 -1.58 9.83
N ALA A 153 7.05 -2.81 10.35
CA ALA A 153 7.37 -4.00 9.59
C ALA A 153 6.19 -4.42 8.72
N ALA A 154 6.44 -5.45 7.91
CA ALA A 154 5.46 -6.07 7.04
C ALA A 154 4.58 -6.95 7.90
N LEU A 155 3.35 -6.54 8.11
CA LEU A 155 2.44 -7.22 9.00
C LEU A 155 1.32 -7.88 8.22
N PRO A 156 0.85 -9.04 8.68
CA PRO A 156 -0.36 -9.64 8.13
C PRO A 156 -1.56 -8.96 8.77
N ALA A 157 -2.76 -9.41 8.41
CA ALA A 157 -3.98 -8.81 8.93
C ALA A 157 -4.04 -8.95 10.45
N VAL A 158 -4.35 -7.84 11.12
CA VAL A 158 -4.61 -7.83 12.56
C VAL A 158 -6.04 -7.39 12.75
N GLN A 159 -6.88 -8.29 13.26
CA GLN A 159 -8.32 -8.04 13.18
C GLN A 159 -9.02 -7.79 14.51
N LEU A 160 -8.38 -7.99 15.64
CA LEU A 160 -9.01 -7.70 16.92
C LEU A 160 -8.34 -6.50 17.53
N PHE A 161 -8.61 -6.24 18.81
CA PHE A 161 -8.11 -5.05 19.48
C PHE A 161 -6.95 -5.39 20.40
N ILE A 162 -5.80 -4.79 20.16
CA ILE A 162 -4.66 -4.94 21.05
C ILE A 162 -4.81 -4.01 22.28
N THR B 2 1.62 -28.81 -15.57
CA THR B 2 2.49 -29.04 -16.75
C THR B 2 3.86 -28.43 -16.43
N SER B 3 4.88 -28.73 -17.23
CA SER B 3 6.19 -28.08 -17.13
C SER B 3 6.18 -26.86 -18.03
N TYR B 4 6.10 -25.69 -17.43
CA TYR B 4 6.00 -24.47 -18.22
C TYR B 4 7.36 -23.94 -18.68
N ARG B 5 8.43 -24.33 -18.00
CA ARG B 5 9.74 -23.85 -18.39
C ARG B 5 10.03 -24.25 -19.83
N ASP B 6 10.58 -23.30 -20.60
CA ASP B 6 10.97 -23.49 -22.00
C ASP B 6 9.80 -24.00 -22.82
N ASN B 7 8.58 -23.59 -22.46
CA ASN B 7 7.36 -24.15 -23.05
C ASN B 7 6.38 -23.02 -23.30
N PRO B 8 6.73 -22.07 -24.19
CA PRO B 8 5.84 -20.93 -24.44
C PRO B 8 4.48 -21.34 -24.98
N ASP B 9 4.35 -22.45 -25.70
CA ASP B 9 3.04 -22.86 -26.19
C ASP B 9 2.11 -23.18 -25.02
N ALA B 10 2.65 -23.78 -23.97
CA ALA B 10 1.83 -24.07 -22.80
C ALA B 10 1.44 -22.79 -22.08
N ILE B 11 2.34 -21.81 -22.03
CA ILE B 11 2.02 -20.50 -21.47
C ILE B 11 0.88 -19.84 -22.24
N ARG B 12 0.99 -19.80 -23.58
CA ARG B 12 -0.07 -19.18 -24.38
C ARG B 12 -1.41 -19.85 -24.14
N ALA B 13 -1.42 -21.15 -23.90
CA ALA B 13 -2.67 -21.87 -23.73
C ALA B 13 -3.40 -21.52 -22.44
N LEU B 14 -2.73 -20.88 -21.50
CA LEU B 14 -3.34 -20.47 -20.23
C LEU B 14 -4.25 -19.26 -20.35
N VAL B 15 -4.13 -18.50 -21.43
CA VAL B 15 -4.78 -17.21 -21.57
C VAL B 15 -5.61 -17.23 -22.85
N GLN B 16 -6.93 -17.19 -22.71
CA GLN B 16 -7.85 -17.10 -23.83
C GLN B 16 -8.41 -15.68 -23.84
N ASP B 17 -9.20 -15.38 -24.86
CA ASP B 17 -9.65 -14.01 -25.01
C ASP B 17 -10.49 -13.56 -23.81
N ASP B 18 -11.21 -14.49 -23.17
CA ASP B 18 -12.24 -14.13 -22.20
C ASP B 18 -12.16 -14.94 -20.91
N ARG B 19 -11.05 -15.62 -20.66
CA ARG B 19 -10.84 -16.39 -19.43
C ARG B 19 -9.38 -16.80 -19.35
N VAL B 20 -8.92 -17.05 -18.12
CA VAL B 20 -7.55 -17.49 -17.92
C VAL B 20 -7.54 -18.68 -16.98
N HIS B 21 -6.47 -19.45 -17.08
CA HIS B 21 -6.35 -20.69 -16.34
C HIS B 21 -5.88 -20.41 -14.92
N ARG B 22 -6.35 -21.24 -13.98
CA ARG B 22 -6.07 -20.99 -12.55
C ARG B 22 -4.57 -21.02 -12.25
N ASP B 23 -3.77 -21.74 -13.02
CA ASP B 23 -2.34 -21.79 -12.71
C ASP B 23 -1.67 -20.41 -12.72
N LEU B 24 -2.23 -19.41 -13.40
CA LEU B 24 -1.70 -18.05 -13.27
C LEU B 24 -1.59 -17.64 -11.81
N TYR B 25 -2.54 -18.09 -10.99
CA TYR B 25 -2.63 -17.67 -9.61
C TYR B 25 -1.93 -18.61 -8.66
N THR B 26 -1.85 -19.91 -8.99
CA THR B 26 -1.38 -20.90 -8.04
C THR B 26 -0.01 -21.48 -8.32
N SER B 27 0.49 -21.38 -9.54
CA SER B 27 1.69 -22.12 -9.94
C SER B 27 2.98 -21.40 -9.48
N GLN B 28 3.74 -22.04 -8.58
CA GLN B 28 5.03 -21.47 -8.20
C GLN B 28 6.00 -21.46 -9.37
N GLU B 29 5.95 -22.50 -10.24
CA GLU B 29 6.80 -22.48 -11.43
C GLU B 29 6.53 -21.24 -12.28
N LEU B 30 5.25 -20.94 -12.50
CA LEU B 30 4.94 -19.73 -13.26
C LEU B 30 5.42 -18.49 -12.54
N PHE B 31 5.33 -18.44 -11.21
CA PHE B 31 5.88 -17.29 -10.51
C PHE B 31 7.37 -17.12 -10.80
N GLU B 32 8.13 -18.22 -10.74
CA GLU B 32 9.55 -18.17 -11.02
C GLU B 32 9.81 -17.68 -12.44
N LEU B 33 9.01 -18.15 -13.40
CA LEU B 33 9.18 -17.73 -14.77
C LEU B 33 8.76 -16.26 -14.96
N GLU B 34 7.81 -15.75 -14.16
CA GLU B 34 7.49 -14.31 -14.20
C GLU B 34 8.71 -13.46 -13.84
N GLN B 35 9.53 -13.92 -12.90
CA GLN B 35 10.73 -13.15 -12.55
C GLN B 35 11.72 -13.11 -13.70
N GLU B 36 11.82 -14.20 -14.45
CA GLU B 36 12.73 -14.28 -15.58
C GLU B 36 12.23 -13.54 -16.81
N HIS B 37 10.91 -13.48 -16.99
CA HIS B 37 10.32 -12.93 -18.20
C HIS B 37 9.41 -11.75 -17.86
N PHE B 38 8.17 -11.99 -17.42
CA PHE B 38 7.18 -10.89 -17.27
C PHE B 38 7.71 -9.67 -16.51
N PHE B 39 8.16 -9.86 -15.26
CA PHE B 39 8.57 -8.71 -14.45
C PHE B 39 9.89 -8.12 -14.92
N ALA B 40 10.66 -8.86 -15.72
CA ALA B 40 11.89 -8.33 -16.28
C ALA B 40 11.70 -7.60 -17.60
N ASN B 41 10.54 -7.74 -18.24
CA ASN B 41 10.27 -7.24 -19.57
C ASN B 41 9.29 -6.10 -19.54
N THR B 42 8.90 -5.66 -18.34
CA THR B 42 7.91 -4.62 -18.11
C THR B 42 8.54 -3.46 -17.36
N TRP B 43 7.90 -2.28 -17.46
CA TRP B 43 8.33 -1.16 -16.64
C TRP B 43 7.66 -1.24 -15.27
N ASN B 44 8.46 -1.04 -14.23
CA ASN B 44 8.04 -1.19 -12.84
C ASN B 44 8.47 0.03 -12.03
N TYR B 45 7.55 0.57 -11.24
CA TYR B 45 7.84 1.65 -10.31
C TYR B 45 8.85 1.22 -9.28
N VAL B 46 9.85 2.07 -9.01
CA VAL B 46 10.88 1.78 -8.02
C VAL B 46 11.04 2.88 -6.96
N GLY B 47 10.33 4.00 -7.05
CA GLY B 47 10.52 5.05 -6.06
C GLY B 47 10.22 6.44 -6.58
N HIS B 48 10.29 7.41 -5.68
CA HIS B 48 10.00 8.80 -6.02
C HIS B 48 11.21 9.70 -5.78
N GLU B 49 11.35 10.72 -6.64
CA GLU B 49 12.55 11.56 -6.60
C GLU B 49 12.71 12.27 -5.28
N SER B 50 11.61 12.56 -4.59
CA SER B 50 11.70 13.17 -3.27
C SER B 50 12.38 12.27 -2.25
N GLN B 51 12.49 10.98 -2.53
CA GLN B 51 13.21 10.05 -1.64
C GLN B 51 14.72 10.09 -1.83
N LEU B 52 15.21 10.69 -2.91
CA LEU B 52 16.64 10.74 -3.22
C LEU B 52 16.90 12.04 -3.97
N PRO B 53 16.72 13.19 -3.28
CA PRO B 53 16.79 14.47 -3.98
C PRO B 53 18.20 15.02 -4.23
N LYS B 54 19.17 14.67 -3.42
CA LYS B 54 20.52 15.25 -3.49
C LYS B 54 21.54 14.24 -3.99
N PRO B 55 22.63 14.69 -4.61
CA PRO B 55 23.68 13.75 -5.02
C PRO B 55 24.14 12.83 -3.89
N GLY B 56 24.29 11.53 -4.20
CA GLY B 56 24.67 10.57 -3.21
C GLY B 56 23.50 9.89 -2.50
N ASP B 57 22.31 10.48 -2.55
CA ASP B 57 21.15 9.84 -1.95
C ASP B 57 20.81 8.59 -2.75
N TRP B 58 20.35 7.57 -2.04
CA TRP B 58 19.96 6.32 -2.66
C TRP B 58 18.82 5.74 -1.86
N ILE B 59 18.02 4.89 -2.53
CA ILE B 59 17.12 3.92 -1.89
C ILE B 59 17.38 2.54 -2.48
N SER B 60 17.08 1.52 -1.68
CA SER B 60 17.20 0.15 -2.13
C SER B 60 15.81 -0.33 -2.52
N ASN B 61 15.79 -1.31 -3.41
CA ASN B 61 14.54 -1.90 -3.85
C ASN B 61 14.83 -3.24 -4.50
N GLU B 62 13.75 -3.93 -4.91
CA GLU B 62 13.88 -5.23 -5.56
C GLU B 62 12.86 -5.31 -6.68
N ILE B 63 13.28 -5.77 -7.85
CA ILE B 63 12.36 -5.93 -9.00
C ILE B 63 12.71 -7.20 -9.72
N ALA B 64 11.72 -8.07 -9.96
CA ALA B 64 11.95 -9.30 -10.72
C ALA B 64 13.01 -10.19 -10.07
N GLY B 65 13.12 -10.15 -8.75
CA GLY B 65 14.11 -10.93 -7.99
C GLY B 65 15.49 -10.33 -7.92
N ARG B 66 15.73 -9.22 -8.59
CA ARG B 66 17.01 -8.52 -8.52
C ARG B 66 17.05 -7.47 -7.42
N PRO B 67 18.09 -7.41 -6.61
CA PRO B 67 18.23 -6.29 -5.67
C PRO B 67 18.80 -5.08 -6.41
N LEU B 68 18.18 -3.90 -6.23
CA LEU B 68 18.59 -2.68 -6.92
C LEU B 68 19.00 -1.59 -5.94
N ILE B 69 19.85 -0.69 -6.44
CA ILE B 69 20.07 0.66 -5.90
C ILE B 69 19.50 1.66 -6.89
N VAL B 70 18.73 2.61 -6.38
CA VAL B 70 18.26 3.78 -7.13
C VAL B 70 18.90 5.00 -6.50
N ALA B 71 19.74 5.71 -7.26
CA ALA B 71 20.64 6.69 -6.67
C ALA B 71 20.66 8.00 -7.47
N ARG B 72 20.90 9.10 -6.77
CA ARG B 72 21.11 10.40 -7.39
C ARG B 72 22.60 10.56 -7.69
N HIS B 73 22.94 10.60 -8.96
CA HIS B 73 24.31 10.81 -9.40
C HIS B 73 24.71 12.30 -9.30
N SER B 74 26.01 12.55 -9.40
CA SER B 74 26.53 13.90 -9.23
C SER B 74 26.09 14.88 -10.32
N ASP B 75 25.60 14.39 -11.45
CA ASP B 75 25.06 15.26 -12.49
C ASP B 75 23.58 15.54 -12.30
N GLY B 76 23.01 15.13 -11.16
CA GLY B 76 21.60 15.37 -10.88
C GLY B 76 20.63 14.36 -11.42
N SER B 77 21.10 13.38 -12.20
CA SER B 77 20.24 12.38 -12.79
C SER B 77 20.02 11.26 -11.80
N VAL B 78 18.98 10.47 -12.07
CA VAL B 78 18.70 9.24 -11.34
C VAL B 78 19.33 8.10 -12.13
N ARG B 79 20.09 7.25 -11.42
CA ARG B 79 20.66 6.05 -12.00
C ARG B 79 20.14 4.85 -11.23
N ALA B 80 20.01 3.71 -11.89
CA ALA B 80 19.62 2.48 -11.24
C ALA B 80 20.67 1.44 -11.56
N MET B 81 20.98 0.58 -10.58
CA MET B 81 21.97 -0.46 -10.78
C MET B 81 21.70 -1.61 -9.82
N MET B 82 22.40 -2.71 -10.07
CA MET B 82 22.33 -3.89 -9.21
C MET B 82 23.01 -3.60 -7.87
N ASN B 83 22.39 -3.96 -6.77
CA ASN B 83 22.99 -3.83 -5.43
C ASN B 83 23.84 -5.07 -5.20
N ARG B 84 24.89 -5.16 -6.00
CA ARG B 84 25.66 -6.40 -6.16
C ARG B 84 27.07 -6.07 -6.62
N CYS B 85 28.02 -6.24 -5.70
CA CYS B 85 29.39 -5.85 -5.96
C CYS B 85 30.00 -6.60 -7.15
N ALA B 86 30.83 -5.89 -7.89
CA ALA B 86 31.52 -6.48 -9.02
C ALA B 86 32.52 -7.57 -8.63
N HIS B 87 32.90 -7.65 -7.35
CA HIS B 87 33.88 -8.65 -6.90
C HIS B 87 33.13 -9.96 -6.60
N LYS B 88 32.58 -10.12 -5.41
CA LYS B 88 31.91 -11.38 -5.07
C LYS B 88 30.43 -11.18 -4.70
N GLY B 89 29.84 -10.05 -5.08
CA GLY B 89 28.38 -9.96 -5.11
C GLY B 89 27.72 -9.36 -3.89
N SER B 90 28.49 -8.86 -2.93
CA SER B 90 27.92 -8.18 -1.77
C SER B 90 27.02 -7.03 -2.15
N ARG B 91 25.95 -6.84 -1.36
CA ARG B 91 25.18 -5.59 -1.41
C ARG B 91 26.13 -4.48 -1.03
N LEU B 92 26.13 -3.41 -1.80
CA LEU B 92 26.95 -2.23 -1.49
C LEU B 92 26.32 -1.41 -0.38
N VAL B 93 25.00 -1.46 -0.26
CA VAL B 93 24.28 -0.65 0.70
C VAL B 93 23.26 -1.50 1.43
N ASN B 94 23.19 -1.27 2.74
CA ASN B 94 22.31 -1.99 3.63
C ASN B 94 21.22 -1.04 4.11
N GLY B 95 20.05 -1.59 4.33
CA GLY B 95 18.93 -0.82 4.80
C GLY B 95 18.17 -0.17 3.67
N PRO B 96 17.14 0.60 4.01
CA PRO B 96 16.24 1.11 2.96
C PRO B 96 16.72 2.36 2.23
N CYS B 97 17.54 3.22 2.85
CA CYS B 97 17.93 4.49 2.25
C CYS B 97 19.15 5.07 2.95
N GLY B 98 19.82 5.96 2.23
CA GLY B 98 20.92 6.70 2.83
C GLY B 98 21.56 7.64 1.84
N ASN B 99 22.70 8.19 2.26
CA ASN B 99 23.51 8.99 1.37
C ASN B 99 24.93 8.43 1.41
N THR B 100 25.50 8.14 0.23
CA THR B 100 26.82 7.50 0.16
C THR B 100 27.93 8.49 -0.15
N GLY B 101 27.60 9.78 -0.21
CA GLY B 101 28.59 10.77 -0.59
C GLY B 101 28.97 10.63 -2.04
N LYS B 102 30.28 10.57 -2.29
CA LYS B 102 30.77 10.60 -3.67
C LYS B 102 30.96 9.23 -4.28
N PHE B 103 30.84 8.15 -3.50
CA PHE B 103 31.03 6.82 -4.04
C PHE B 103 30.42 5.78 -3.12
N PHE B 104 29.96 4.69 -3.72
CA PHE B 104 29.69 3.48 -2.98
C PHE B 104 30.99 2.80 -2.59
N ARG B 105 30.95 2.14 -1.42
CA ARG B 105 32.09 1.38 -0.89
C ARG B 105 31.60 0.02 -0.43
N CYS B 106 32.13 -1.03 -1.03
CA CYS B 106 31.66 -2.37 -0.67
C CYS B 106 32.02 -2.66 0.78
N PRO B 107 31.08 -3.10 1.62
CA PRO B 107 31.37 -3.39 3.04
C PRO B 107 32.02 -4.74 3.31
N TYR B 108 32.45 -5.46 2.27
CA TYR B 108 33.21 -6.70 2.48
C TYR B 108 34.71 -6.49 2.25
N HIS B 109 35.14 -6.05 1.04
CA HIS B 109 36.58 -5.77 0.78
C HIS B 109 36.88 -4.34 0.29
N ALA B 110 35.89 -3.48 0.21
CA ALA B 110 36.03 -2.05 -0.01
C ALA B 110 36.52 -1.69 -1.41
N TRP B 111 36.17 -2.49 -2.43
CA TRP B 111 36.12 -1.92 -3.77
C TRP B 111 35.16 -0.75 -3.71
N THR B 112 35.41 0.27 -4.52
CA THR B 112 34.54 1.46 -4.57
C THR B 112 34.04 1.67 -5.99
N PHE B 113 32.87 2.33 -6.11
CA PHE B 113 32.15 2.56 -7.36
C PHE B 113 31.60 3.98 -7.33
N LYS B 114 31.64 4.65 -8.48
CA LYS B 114 30.97 5.93 -8.55
C LYS B 114 29.46 5.78 -8.42
N THR B 115 28.77 6.92 -8.25
CA THR B 115 27.32 6.81 -8.13
C THR B 115 26.62 6.55 -9.46
N ASP B 116 27.35 6.43 -10.56
CA ASP B 116 26.76 5.86 -11.76
C ASP B 116 27.03 4.37 -11.91
N GLY B 117 27.64 3.74 -10.91
CA GLY B 117 27.94 2.32 -10.97
C GLY B 117 29.34 1.98 -11.45
N SER B 118 30.04 2.91 -12.09
CA SER B 118 31.33 2.56 -12.67
C SER B 118 32.39 2.30 -11.58
N LEU B 119 33.32 1.40 -11.92
CA LEU B 119 34.36 1.06 -10.96
C LEU B 119 35.23 2.28 -10.68
N LEU B 120 35.50 2.54 -9.42
CA LEU B 120 36.34 3.67 -9.02
C LEU B 120 37.72 3.23 -8.53
N ALA B 121 37.81 2.32 -7.56
CA ALA B 121 39.10 1.87 -7.04
C ALA B 121 39.00 0.45 -6.50
N ILE B 122 40.14 -0.24 -6.51
CA ILE B 122 40.25 -1.59 -5.93
C ILE B 122 41.41 -1.55 -4.95
N PRO B 123 41.25 -2.03 -3.70
CA PRO B 123 42.40 -2.14 -2.80
C PRO B 123 43.42 -3.14 -3.33
N LEU B 124 44.71 -2.81 -3.14
CA LEU B 124 45.79 -3.68 -3.59
C LEU B 124 45.60 -4.07 -5.05
N LYS B 125 45.39 -3.06 -5.90
CA LYS B 125 45.01 -3.33 -7.27
C LYS B 125 46.09 -4.10 -8.04
N THR B 126 47.35 -4.05 -7.58
CA THR B 126 48.43 -4.77 -8.26
C THR B 126 48.21 -6.27 -8.22
N GLY B 127 47.37 -6.77 -7.31
CA GLY B 127 47.08 -8.19 -7.33
C GLY B 127 46.35 -8.66 -8.56
N TYR B 128 45.80 -7.75 -9.35
CA TYR B 128 45.15 -8.10 -10.61
C TYR B 128 46.03 -7.82 -11.83
N GLU B 129 47.26 -7.35 -11.62
CA GLU B 129 48.07 -6.78 -12.69
C GLU B 129 48.12 -7.67 -13.93
N ASN B 130 48.45 -8.94 -13.79
CA ASN B 130 48.60 -9.83 -14.94
C ASN B 130 47.47 -10.86 -14.98
N THR B 131 46.27 -10.46 -14.59
CA THR B 131 45.11 -11.34 -14.60
C THR B 131 44.12 -10.86 -15.66
N ALA B 132 43.12 -11.71 -15.91
CA ALA B 132 42.07 -11.40 -16.88
C ALA B 132 40.93 -10.58 -16.31
N LEU B 133 41.07 -10.03 -15.10
CA LEU B 133 39.95 -9.25 -14.54
C LEU B 133 39.50 -8.16 -15.50
N HIS B 134 40.46 -7.48 -16.14
CA HIS B 134 40.14 -6.38 -17.06
C HIS B 134 39.31 -6.81 -18.26
N GLU B 135 39.27 -8.12 -18.55
CA GLU B 135 38.50 -8.66 -19.67
C GLU B 135 37.06 -9.01 -19.30
N CYS B 136 36.70 -8.98 -18.02
CA CYS B 136 35.41 -9.44 -17.54
C CYS B 136 34.46 -8.26 -17.38
N GLU B 137 33.16 -8.59 -17.33
CA GLU B 137 32.15 -7.56 -17.06
C GLU B 137 32.43 -6.83 -15.75
N SER B 138 32.98 -7.53 -14.75
CA SER B 138 33.22 -6.93 -13.45
C SER B 138 34.05 -5.67 -13.58
N ALA B 139 34.98 -5.63 -14.54
CA ALA B 139 35.86 -4.49 -14.67
C ALA B 139 35.10 -3.20 -14.96
N LYS B 140 33.90 -3.31 -15.52
CA LYS B 140 33.12 -2.11 -15.76
C LYS B 140 32.62 -1.50 -14.45
N GLY B 141 32.47 -2.28 -13.40
CA GLY B 141 31.73 -1.83 -12.23
C GLY B 141 30.44 -2.58 -12.02
N LEU B 142 29.50 -1.97 -11.32
CA LEU B 142 28.20 -2.61 -11.08
C LEU B 142 27.38 -2.67 -12.36
N THR B 143 26.58 -3.73 -12.49
CA THR B 143 25.65 -3.81 -13.62
C THR B 143 24.64 -2.67 -13.50
N THR B 144 24.57 -1.81 -14.52
CA THR B 144 23.66 -0.67 -14.49
C THR B 144 22.49 -0.93 -15.42
N LEU B 145 21.35 -0.31 -15.09
CA LEU B 145 20.14 -0.44 -15.91
C LEU B 145 20.14 0.67 -16.94
N ARG B 146 20.06 0.30 -18.24
CA ARG B 146 19.79 1.28 -19.28
C ARG B 146 18.42 1.94 -19.15
N TYR B 147 17.42 1.14 -18.83
CA TYR B 147 15.99 1.49 -18.91
C TYR B 147 15.57 2.02 -17.54
N VAL B 148 15.77 3.32 -17.37
CA VAL B 148 15.44 4.04 -16.15
C VAL B 148 14.84 5.35 -16.61
N ARG B 149 13.61 5.62 -16.18
CA ARG B 149 12.88 6.79 -16.63
C ARG B 149 12.07 7.36 -15.47
N SER B 150 11.75 8.62 -15.57
CA SER B 150 10.92 9.27 -14.58
C SER B 150 9.82 10.09 -15.25
N HIS B 151 8.71 10.22 -14.54
CA HIS B 151 7.64 11.12 -14.94
C HIS B 151 7.12 11.83 -13.70
N ARG B 152 7.29 13.15 -13.62
CA ARG B 152 6.81 13.94 -12.49
C ARG B 152 7.26 13.33 -11.17
N GLY B 153 8.53 12.96 -11.13
CA GLY B 153 9.15 12.40 -9.95
C GLY B 153 9.00 10.91 -9.75
N PHE B 154 8.06 10.27 -10.43
CA PHE B 154 7.85 8.83 -10.32
C PHE B 154 8.87 8.10 -11.21
N ILE B 155 9.70 7.24 -10.60
CA ILE B 155 10.83 6.58 -11.24
C ILE B 155 10.41 5.16 -11.55
N PHE B 156 10.65 4.73 -12.79
CA PHE B 156 10.38 3.38 -13.23
C PHE B 156 11.62 2.76 -13.89
N VAL B 157 11.73 1.44 -13.83
CA VAL B 157 12.85 0.78 -14.48
C VAL B 157 12.32 -0.42 -15.27
N LYS B 158 13.12 -0.90 -16.22
CA LYS B 158 12.90 -2.18 -16.89
C LYS B 158 14.23 -2.94 -16.91
N ILE B 159 14.21 -4.22 -16.49
CA ILE B 159 15.45 -4.98 -16.35
C ILE B 159 16.03 -5.30 -17.73
N SER B 160 15.21 -5.87 -18.61
CA SER B 160 15.71 -6.43 -19.85
C SER B 160 15.59 -5.46 -21.03
N ASP B 161 16.12 -5.88 -22.17
CA ASP B 161 15.98 -5.13 -23.41
C ASP B 161 14.66 -5.38 -24.13
N ALA B 162 13.85 -6.33 -23.67
CA ALA B 162 12.63 -6.69 -24.37
C ALA B 162 11.47 -5.78 -23.98
N GLY B 163 10.40 -5.85 -24.74
CA GLY B 163 9.20 -5.10 -24.44
C GLY B 163 9.22 -3.65 -24.90
N PRO B 164 8.06 -2.98 -24.85
CA PRO B 164 8.01 -1.55 -25.18
C PRO B 164 8.93 -0.68 -24.33
N ASP B 165 9.47 0.37 -24.96
CA ASP B 165 10.17 1.41 -24.22
C ASP B 165 9.15 2.26 -23.44
N PHE B 166 9.67 3.11 -22.56
CA PHE B 166 8.85 3.76 -21.54
C PHE B 166 7.68 4.53 -22.12
N ASP B 167 7.94 5.39 -23.08
CA ASP B 167 6.89 6.30 -23.56
C ASP B 167 5.73 5.51 -24.17
N ASP B 168 6.04 4.50 -25.00
CA ASP B 168 5.02 3.62 -25.59
C ASP B 168 4.38 2.72 -24.53
N TYR B 169 5.15 2.31 -23.54
CA TYR B 169 4.60 1.38 -22.55
C TYR B 169 3.43 2.02 -21.85
N PHE B 170 3.60 3.28 -21.42
CA PHE B 170 2.58 3.94 -20.60
C PHE B 170 1.65 4.83 -21.38
N GLY B 171 2.07 5.36 -22.52
CA GLY B 171 1.23 6.30 -23.28
C GLY B 171 0.72 7.41 -22.41
N ASP B 172 -0.55 7.77 -22.61
CA ASP B 172 -1.12 8.89 -21.87
C ASP B 172 -1.61 8.52 -20.47
N SER B 173 -1.43 7.27 -20.01
CA SER B 173 -1.85 6.93 -18.66
C SER B 173 -1.07 7.72 -17.60
N LEU B 174 0.11 8.24 -17.96
CA LEU B 174 0.90 9.03 -17.04
C LEU B 174 0.18 10.32 -16.62
N SER B 175 -0.85 10.77 -17.37
CA SER B 175 -1.60 11.97 -17.01
C SER B 175 -2.20 11.89 -15.59
N SER B 176 -2.48 10.68 -15.07
CA SER B 176 -2.98 10.56 -13.70
C SER B 176 -1.95 11.04 -12.69
N ILE B 177 -0.69 10.70 -12.92
CA ILE B 177 0.41 11.21 -12.11
C ILE B 177 0.48 12.74 -12.19
N ASP B 178 0.41 13.29 -13.40
CA ASP B 178 0.45 14.74 -13.51
C ASP B 178 -0.66 15.38 -12.70
N ASN B 179 -1.86 14.79 -12.69
CA ASN B 179 -2.96 15.40 -11.96
C ASN B 179 -2.70 15.41 -10.46
N MET B 180 -2.14 14.31 -9.94
CA MET B 180 -1.85 14.27 -8.52
C MET B 180 -0.81 15.34 -8.15
N ALA B 181 0.25 15.49 -8.95
CA ALA B 181 1.26 16.53 -8.66
C ALA B 181 0.72 17.95 -8.88
N ASP B 182 -0.15 18.13 -9.88
CA ASP B 182 -0.74 19.45 -10.12
C ASP B 182 -1.59 19.92 -8.93
N ARG B 183 -2.07 18.99 -8.12
CA ARG B 183 -2.85 19.38 -6.95
C ARG B 183 -2.00 20.02 -5.86
N SER B 184 -0.68 20.01 -6.00
CA SER B 184 0.15 20.88 -5.17
C SER B 184 0.16 22.30 -5.72
N PRO B 185 -0.04 23.32 -4.87
CA PRO B 185 0.10 24.71 -5.34
C PRO B 185 1.51 25.04 -5.83
N GLU B 186 2.49 24.17 -5.59
CA GLU B 186 3.84 24.33 -6.10
C GLU B 186 4.14 23.32 -7.20
N GLY B 187 3.16 22.52 -7.59
CA GLY B 187 3.37 21.46 -8.56
C GLY B 187 4.31 20.34 -8.19
N GLU B 188 4.49 20.09 -6.91
CA GLU B 188 5.49 19.17 -6.44
C GLU B 188 4.97 18.31 -5.31
N LEU B 189 5.33 17.03 -5.33
CA LEU B 189 4.95 16.04 -4.33
C LEU B 189 6.17 15.67 -3.51
N GLU B 190 5.98 15.38 -2.22
CA GLU B 190 7.06 14.77 -1.46
C GLU B 190 6.52 13.64 -0.59
N ILE B 191 7.23 12.51 -0.60
CA ILE B 191 6.85 11.36 0.24
C ILE B 191 6.82 11.80 1.68
N ALA B 192 5.74 11.47 2.40
CA ALA B 192 5.53 11.92 3.77
C ALA B 192 4.51 11.01 4.44
N GLY B 193 4.62 10.91 5.77
CA GLY B 193 3.58 10.33 6.59
C GLY B 193 3.71 8.86 6.90
N GLY B 194 4.73 8.16 6.40
CA GLY B 194 4.96 6.76 6.74
C GLY B 194 4.45 5.83 5.65
N CYS B 195 4.85 4.57 5.77
CA CYS B 195 4.47 3.52 4.81
C CYS B 195 3.76 2.35 5.50
N LEU B 196 2.49 2.10 5.13
CA LEU B 196 1.74 0.95 5.64
C LEU B 196 2.12 -0.29 4.83
N ARG B 197 2.62 -1.30 5.49
CA ARG B 197 3.20 -2.49 4.86
C ARG B 197 2.38 -3.69 5.29
N PHE B 198 1.61 -4.23 4.37
CA PHE B 198 0.53 -5.19 4.64
C PHE B 198 0.81 -6.45 3.84
N MET B 199 1.29 -7.48 4.50
CA MET B 199 1.50 -8.78 3.85
C MET B 199 0.23 -9.52 3.53
N HIS B 200 0.08 -9.86 2.24
CA HIS B 200 -1.08 -10.57 1.72
C HIS B 200 -0.74 -12.00 1.31
N GLN B 201 -1.48 -12.98 1.81
CA GLN B 201 -1.21 -14.39 1.45
C GLN B 201 -1.97 -14.77 0.18
N CYS B 202 -1.65 -14.06 -0.90
CA CYS B 202 -2.29 -14.38 -2.16
C CYS B 202 -1.34 -13.97 -3.27
N ASN B 203 -1.70 -14.37 -4.49
CA ASN B 203 -1.01 -13.97 -5.70
C ASN B 203 -1.20 -12.49 -5.98
N TRP B 204 -0.16 -11.86 -6.52
CA TRP B 204 -0.25 -10.44 -6.82
C TRP B 204 -1.43 -10.13 -7.75
N LYS B 205 -1.78 -11.01 -8.68
CA LYS B 205 -2.83 -10.73 -9.65
C LYS B 205 -4.16 -10.46 -8.94
N MET B 206 -4.44 -11.09 -7.81
CA MET B 206 -5.74 -10.87 -7.18
C MET B 206 -5.87 -9.45 -6.65
N PHE B 207 -4.78 -8.90 -6.13
CA PHE B 207 -4.80 -7.51 -5.71
C PHE B 207 -4.98 -6.58 -6.88
N VAL B 208 -4.28 -6.84 -7.97
CA VAL B 208 -4.36 -5.91 -9.09
C VAL B 208 -5.75 -5.95 -9.77
N GLU B 209 -6.32 -7.14 -9.95
CA GLU B 209 -7.66 -7.23 -10.52
C GLU B 209 -8.67 -6.48 -9.67
N ASN B 210 -8.54 -6.59 -8.36
CA ASN B 210 -9.50 -5.98 -7.46
C ASN B 210 -9.62 -4.46 -7.66
N LEU B 211 -8.52 -3.81 -8.10
CA LEU B 211 -8.49 -2.37 -8.34
C LEU B 211 -9.48 -1.95 -9.43
N ASN B 212 -9.84 -2.86 -10.34
CA ASN B 212 -10.84 -2.56 -11.38
C ASN B 212 -12.16 -3.29 -11.15
N ASP B 213 -12.36 -3.86 -9.98
CA ASP B 213 -13.46 -4.79 -9.74
C ASP B 213 -14.63 -4.07 -9.06
N THR B 214 -15.56 -3.57 -9.87
CA THR B 214 -16.73 -2.85 -9.36
C THR B 214 -17.87 -3.77 -8.96
N MET B 215 -17.74 -5.09 -9.14
CA MET B 215 -18.80 -5.99 -8.68
C MET B 215 -18.59 -6.49 -7.27
N HIS B 216 -17.42 -6.23 -6.67
CA HIS B 216 -17.14 -6.74 -5.33
C HIS B 216 -17.56 -5.87 -4.17
N PRO B 217 -17.58 -4.55 -4.30
CA PRO B 217 -17.70 -3.76 -3.05
C PRO B 217 -19.01 -4.00 -2.31
N MET B 218 -20.12 -4.13 -3.00
CA MET B 218 -21.41 -4.31 -2.34
C MET B 218 -21.58 -5.69 -1.75
N VAL B 219 -20.64 -6.58 -2.02
CA VAL B 219 -20.66 -7.94 -1.49
C VAL B 219 -19.58 -8.10 -0.43
N ALA B 220 -18.32 -7.93 -0.82
CA ALA B 220 -17.19 -8.20 0.05
C ALA B 220 -17.06 -7.17 1.17
N HIS B 221 -17.61 -5.96 0.98
CA HIS B 221 -17.56 -4.89 1.98
C HIS B 221 -18.92 -4.63 2.62
N GLU B 222 -19.87 -5.55 2.45
CA GLU B 222 -21.21 -5.30 2.97
C GLU B 222 -21.20 -5.07 4.48
N SER B 223 -20.49 -5.93 5.24
CA SER B 223 -20.53 -5.77 6.70
C SER B 223 -19.88 -4.45 7.13
N SER B 224 -18.80 -4.06 6.46
CA SER B 224 -18.12 -2.80 6.79
C SER B 224 -18.95 -1.60 6.36
N ALA B 225 -19.40 -1.59 5.11
CA ALA B 225 -20.18 -0.46 4.61
C ALA B 225 -21.59 -0.38 5.22
N GLY B 226 -22.27 -1.53 5.36
CA GLY B 226 -23.60 -1.50 5.96
C GLY B 226 -23.56 -0.98 7.38
N THR B 227 -22.52 -1.36 8.12
CA THR B 227 -22.35 -0.85 9.47
C THR B 227 -22.12 0.66 9.44
N ALA B 228 -21.23 1.14 8.56
CA ALA B 228 -20.99 2.58 8.45
C ALA B 228 -22.28 3.33 8.13
N LYS B 229 -23.05 2.84 7.15
CA LYS B 229 -24.30 3.49 6.76
C LYS B 229 -25.26 3.58 7.93
N ARG B 230 -25.26 2.58 8.81
CA ARG B 230 -26.24 2.53 9.88
C ARG B 230 -25.96 3.57 10.96
N MET B 231 -24.69 3.91 11.14
CA MET B 231 -24.27 4.95 12.07
C MET B 231 -24.19 6.32 11.43
N TRP B 232 -24.83 6.51 10.30
CA TRP B 232 -24.97 7.84 9.72
C TRP B 232 -26.36 7.99 9.14
N ALA B 233 -27.37 7.66 9.92
CA ALA B 233 -28.73 7.58 9.41
C ALA B 233 -29.48 8.90 9.55
N ASP B 234 -30.20 9.26 8.48
CA ASP B 234 -31.09 10.44 8.43
C ASP B 234 -30.34 11.74 8.75
N LYS B 235 -29.26 11.96 7.96
CA LYS B 235 -28.43 13.16 8.01
C LYS B 235 -28.62 13.99 6.75
N PRO B 236 -28.53 15.32 6.85
CA PRO B 236 -28.50 16.11 5.62
C PRO B 236 -27.38 15.63 4.71
N GLU B 237 -27.65 15.62 3.40
CA GLU B 237 -26.63 15.12 2.47
C GLU B 237 -25.39 15.99 2.47
N ASP B 238 -25.53 17.28 2.74
CA ASP B 238 -24.39 18.19 2.73
C ASP B 238 -23.75 18.37 4.10
N GLU B 239 -24.25 17.70 5.14
CA GLU B 239 -23.58 17.71 6.44
C GLU B 239 -22.27 16.94 6.36
N PRO B 240 -21.15 17.52 6.79
CA PRO B 240 -19.87 16.84 6.62
C PRO B 240 -19.87 15.47 7.30
N LYS B 241 -19.44 14.50 6.57
CA LYS B 241 -19.47 13.14 7.09
C LYS B 241 -18.13 12.76 7.71
N PRO B 242 -18.10 11.91 8.74
CA PRO B 242 -16.84 11.23 9.11
C PRO B 242 -16.26 10.54 7.90
N MET B 243 -14.93 10.54 7.80
CA MET B 243 -14.35 10.00 6.58
C MET B 243 -14.68 8.50 6.42
N ALA B 244 -14.76 7.76 7.53
CA ALA B 244 -15.15 6.36 7.42
C ALA B 244 -16.51 6.20 6.76
N VAL B 245 -17.48 7.03 7.13
CA VAL B 245 -18.80 6.99 6.48
C VAL B 245 -18.68 7.41 5.02
N GLU B 246 -17.96 8.52 4.77
CA GLU B 246 -17.75 9.02 3.41
C GLU B 246 -17.21 7.94 2.48
N GLN B 247 -16.20 7.19 2.94
CA GLN B 247 -15.50 6.23 2.10
C GLN B 247 -16.15 4.87 2.06
N PHE B 248 -16.75 4.44 3.17
CA PHE B 248 -17.32 3.08 3.22
C PHE B 248 -18.71 3.04 2.58
N ALA B 249 -19.58 4.02 2.90
CA ALA B 249 -20.98 3.91 2.50
C ALA B 249 -21.17 3.73 1.01
N PRO B 250 -20.40 4.40 0.12
CA PRO B 250 -20.59 4.20 -1.32
C PRO B 250 -20.28 2.79 -1.82
N PHE B 251 -19.64 1.93 -1.01
CA PHE B 251 -19.44 0.56 -1.44
C PHE B 251 -20.78 -0.12 -1.73
N MET B 252 -21.84 0.35 -1.07
CA MET B 252 -23.16 -0.21 -1.25
C MET B 252 -23.97 0.49 -2.32
N SER B 253 -23.36 1.29 -3.20
CA SER B 253 -24.12 1.98 -4.24
C SER B 253 -24.72 0.96 -5.22
N ASP B 254 -25.80 1.36 -5.87
CA ASP B 254 -26.39 0.54 -6.93
C ASP B 254 -25.34 0.20 -7.97
N TYR B 255 -25.56 -0.92 -8.67
CA TYR B 255 -24.66 -1.26 -9.77
C TYR B 255 -24.58 -0.14 -10.81
N LYS B 256 -25.66 0.64 -11.00
CA LYS B 256 -25.66 1.69 -12.03
C LYS B 256 -24.59 2.75 -11.77
N PHE B 257 -24.38 3.08 -10.49
CA PHE B 257 -23.35 4.02 -10.07
C PHE B 257 -21.98 3.55 -10.54
N PHE B 258 -21.68 2.27 -10.36
CA PHE B 258 -20.36 1.77 -10.74
C PHE B 258 -20.25 1.62 -12.24
N GLU B 259 -21.34 1.22 -12.90
CA GLU B 259 -21.34 1.15 -14.35
C GLU B 259 -21.05 2.52 -14.96
N ASP B 260 -21.71 3.56 -14.44
CA ASP B 260 -21.63 4.92 -15.00
C ASP B 260 -20.26 5.54 -14.81
N MET B 261 -19.53 5.07 -13.80
CA MET B 261 -18.24 5.64 -13.48
C MET B 261 -17.26 5.44 -14.63
N GLY B 262 -17.29 4.29 -15.29
CA GLY B 262 -16.49 4.04 -16.45
C GLY B 262 -15.08 3.61 -16.10
N ILE B 263 -14.48 2.90 -17.05
CA ILE B 263 -13.07 2.54 -17.04
C ILE B 263 -12.44 2.95 -18.35
N ARG B 264 -11.22 3.46 -18.27
CA ARG B 264 -10.37 3.61 -19.45
C ARG B 264 -9.27 2.57 -19.36
N THR B 265 -9.01 1.88 -20.46
CA THR B 265 -7.90 0.92 -20.55
C THR B 265 -6.90 1.38 -21.61
N TYR B 266 -5.66 0.95 -21.42
CA TYR B 266 -4.53 1.27 -22.27
C TYR B 266 -3.88 -0.04 -22.70
N ASP B 267 -3.16 0.03 -23.82
CA ASP B 267 -2.20 -1.00 -24.14
C ASP B 267 -1.23 -1.21 -22.98
N ASN B 268 -0.81 -2.47 -22.79
CA ASN B 268 0.12 -2.91 -21.76
C ASN B 268 -0.54 -2.97 -20.39
N GLY B 269 -1.87 -2.87 -20.33
CA GLY B 269 -2.65 -3.22 -19.17
C GLY B 269 -2.97 -2.10 -18.21
N HIS B 270 -2.57 -0.87 -18.49
CA HIS B 270 -2.89 0.24 -17.60
C HIS B 270 -4.37 0.56 -17.67
N SER B 271 -4.84 1.25 -16.64
CA SER B 271 -6.26 1.59 -16.57
C SER B 271 -6.49 2.72 -15.57
N PHE B 272 -7.67 3.30 -15.65
CA PHE B 272 -8.17 4.10 -14.54
C PHE B 272 -9.68 4.00 -14.49
N THR B 273 -10.20 4.14 -13.29
CA THR B 273 -11.65 4.15 -13.07
C THR B 273 -12.12 5.57 -12.81
N GLY B 274 -13.33 5.93 -13.29
CA GLY B 274 -13.80 7.31 -13.19
C GLY B 274 -13.39 8.15 -14.37
N VAL B 275 -14.19 8.17 -15.44
CA VAL B 275 -13.80 8.81 -16.70
C VAL B 275 -14.40 10.21 -16.86
N HIS B 276 -15.04 10.72 -15.82
CA HIS B 276 -15.79 11.96 -15.90
C HIS B 276 -15.08 13.08 -15.18
N PHE B 277 -15.57 14.28 -15.40
CA PHE B 277 -15.08 15.44 -14.69
C PHE B 277 -16.07 15.78 -13.58
N SER B 278 -15.53 16.07 -12.41
CA SER B 278 -16.37 16.47 -11.28
C SER B 278 -16.34 17.98 -11.16
N ILE B 279 -17.47 18.56 -10.82
CA ILE B 279 -17.51 20.00 -10.53
C ILE B 279 -17.01 20.25 -9.11
N HIS B 280 -16.10 21.19 -8.97
CA HIS B 280 -15.57 21.44 -7.64
C HIS B 280 -16.61 22.18 -6.81
N SER B 281 -17.10 21.55 -5.75
CA SER B 281 -18.13 22.13 -4.91
C SER B 281 -17.53 22.65 -3.58
N LYS B 282 -18.39 23.31 -2.78
CA LYS B 282 -17.99 23.79 -1.45
C LYS B 282 -17.98 22.68 -0.39
N TYR B 283 -18.43 21.47 -0.74
CA TYR B 283 -18.51 20.39 0.25
C TYR B 283 -17.11 20.00 0.70
N LYS B 284 -16.77 20.28 1.96
CA LYS B 284 -15.47 19.96 2.55
C LYS B 284 -14.32 20.70 1.85
N ALA B 285 -14.59 21.94 1.42
CA ALA B 285 -13.55 22.75 0.81
C ALA B 285 -12.63 23.36 1.87
N ILE B 286 -11.37 23.53 1.50
CA ILE B 286 -10.40 24.20 2.36
C ILE B 286 -10.05 25.53 1.71
N PRO B 287 -10.62 26.65 2.17
CA PRO B 287 -10.47 27.93 1.45
C PRO B 287 -9.04 28.33 1.19
N ALA B 288 -8.14 28.12 2.15
CA ALA B 288 -6.75 28.54 1.97
C ALA B 288 -6.09 27.75 0.84
N TYR B 289 -6.52 26.51 0.67
CA TYR B 289 -5.97 25.65 -0.37
C TYR B 289 -6.52 26.06 -1.73
N ASP B 290 -7.84 26.24 -1.82
CA ASP B 290 -8.47 26.74 -3.04
C ASP B 290 -7.86 28.08 -3.48
N ASP B 291 -7.64 28.98 -2.51
CA ASP B 291 -7.00 30.26 -2.80
C ASP B 291 -5.58 30.07 -3.32
N ALA B 292 -4.80 29.18 -2.68
CA ALA B 292 -3.43 28.94 -3.09
C ALA B 292 -3.38 28.35 -4.50
N MET B 293 -4.35 27.49 -4.82
CA MET B 293 -4.41 26.91 -6.17
C MET B 293 -4.68 28.00 -7.19
N LYS B 294 -5.68 28.84 -6.94
CA LYS B 294 -5.97 29.91 -7.88
C LYS B 294 -4.76 30.83 -8.04
N ALA B 295 -4.09 31.14 -6.91
CA ALA B 295 -2.95 32.04 -6.98
C ALA B 295 -1.89 31.48 -7.92
N ARG B 296 -1.64 30.17 -7.86
CA ARG B 296 -0.61 29.53 -8.66
C ARG B 296 -1.07 29.34 -10.11
N TYR B 297 -2.28 28.80 -10.32
CA TYR B 297 -2.70 28.34 -11.64
C TYR B 297 -3.76 29.16 -12.37
N GLY B 298 -4.49 30.03 -11.67
CA GLY B 298 -5.61 30.73 -12.25
C GLY B 298 -6.87 29.90 -12.15
N GLU B 299 -7.99 30.56 -12.41
CA GLU B 299 -9.30 29.96 -12.18
C GLU B 299 -9.54 28.78 -13.12
N ALA B 300 -9.27 28.96 -14.41
CA ALA B 300 -9.66 27.90 -15.34
C ALA B 300 -8.83 26.65 -15.11
N LYS B 301 -7.51 26.82 -14.96
CA LYS B 301 -6.68 25.65 -14.77
C LYS B 301 -6.95 24.98 -13.42
N THR B 302 -7.26 25.76 -12.38
CA THR B 302 -7.61 25.15 -11.11
C THR B 302 -8.83 24.26 -11.23
N ALA B 303 -9.87 24.74 -11.90
CA ALA B 303 -11.05 23.91 -12.10
C ALA B 303 -10.71 22.64 -12.87
N GLN B 304 -9.88 22.74 -13.90
CA GLN B 304 -9.46 21.54 -14.63
C GLN B 304 -8.74 20.55 -13.70
N ILE B 305 -7.82 21.05 -12.88
CA ILE B 305 -7.04 20.15 -12.02
C ILE B 305 -7.94 19.47 -11.00
N LEU B 306 -8.74 20.27 -10.29
CA LEU B 306 -9.57 19.71 -9.25
C LEU B 306 -10.71 18.90 -9.83
N GLY B 307 -11.04 19.08 -11.12
CA GLY B 307 -12.19 18.39 -11.68
C GLY B 307 -11.88 16.99 -12.18
N MET B 308 -10.60 16.66 -12.33
CA MET B 308 -10.30 15.30 -12.71
C MET B 308 -10.66 14.35 -11.57
N ALA B 309 -11.41 13.31 -11.91
CA ALA B 309 -12.01 12.43 -10.90
C ALA B 309 -11.69 10.97 -11.25
N ARG B 310 -10.39 10.66 -11.28
CA ARG B 310 -9.98 9.29 -11.50
C ARG B 310 -9.76 8.60 -10.16
N HIS B 311 -10.71 7.73 -9.79
CA HIS B 311 -10.71 7.12 -8.47
C HIS B 311 -9.46 6.31 -8.23
N ASN B 312 -9.02 5.55 -9.22
CA ASN B 312 -7.70 4.94 -9.14
C ASN B 312 -7.15 4.77 -10.54
N THR B 313 -5.84 4.65 -10.60
CA THR B 313 -5.12 4.42 -11.83
C THR B 313 -4.16 3.25 -11.59
N VAL B 314 -4.08 2.32 -12.55
CA VAL B 314 -3.20 1.16 -12.48
C VAL B 314 -2.06 1.33 -13.49
N TYR B 315 -0.82 1.30 -12.99
CA TYR B 315 0.41 1.36 -13.77
C TYR B 315 0.98 -0.05 -13.72
N TYR B 316 0.50 -0.85 -14.66
CA TYR B 316 0.70 -2.28 -14.61
C TYR B 316 2.17 -2.61 -14.82
N PRO B 317 2.73 -3.53 -14.04
CA PRO B 317 2.03 -4.41 -13.09
C PRO B 317 2.10 -4.00 -11.64
N ASN B 318 2.88 -3.02 -11.19
CA ASN B 318 3.21 -2.99 -9.76
C ASN B 318 2.85 -1.70 -9.07
N LEU B 319 2.11 -0.80 -9.68
CA LEU B 319 1.78 0.47 -9.01
C LEU B 319 0.33 0.86 -9.25
N THR B 320 -0.32 1.37 -8.20
CA THR B 320 -1.60 2.05 -8.36
C THR B 320 -1.59 3.36 -7.59
N ILE B 321 -2.29 4.36 -8.10
CA ILE B 321 -2.32 5.67 -7.44
C ILE B 321 -3.77 6.17 -7.39
N LYS B 322 -4.06 7.07 -6.43
CA LYS B 322 -5.36 7.71 -6.26
C LYS B 322 -5.10 9.20 -6.24
N GLY B 323 -5.14 9.79 -7.39
CA GLY B 323 -5.02 11.28 -7.45
C GLY B 323 -5.50 12.29 -6.40
N ALA B 324 -6.82 12.38 -6.17
CA ALA B 324 -7.37 13.36 -5.26
C ALA B 324 -7.02 13.12 -3.79
N ILE B 325 -6.51 11.95 -3.42
CA ILE B 325 -6.11 11.72 -2.02
C ILE B 325 -4.57 11.55 -1.80
N GLN B 326 -3.78 11.49 -2.84
CA GLN B 326 -2.30 11.44 -2.75
C GLN B 326 -1.81 10.19 -2.04
N ALA B 327 -2.49 9.08 -2.30
CA ALA B 327 -2.06 7.76 -1.84
C ALA B 327 -1.67 6.88 -3.02
N ILE B 328 -0.61 6.09 -2.86
CA ILE B 328 -0.18 5.07 -3.82
C ILE B 328 0.00 3.74 -3.10
N ARG B 329 -0.12 2.66 -3.87
CA ARG B 329 0.10 1.31 -3.40
C ARG B 329 1.04 0.59 -4.38
N VAL B 330 2.11 0.02 -3.81
CA VAL B 330 3.12 -0.71 -4.57
C VAL B 330 2.98 -2.21 -4.30
N VAL B 331 2.98 -2.97 -5.39
CA VAL B 331 2.82 -4.43 -5.37
C VAL B 331 4.21 -5.04 -5.38
N LYS B 332 4.52 -5.83 -4.34
CA LYS B 332 5.82 -6.50 -4.19
C LYS B 332 5.58 -8.00 -4.18
N PRO B 333 5.62 -8.68 -5.33
CA PRO B 333 5.36 -10.11 -5.33
C PRO B 333 6.49 -10.85 -4.65
N ILE B 334 6.12 -11.84 -3.83
CA ILE B 334 7.07 -12.65 -3.10
C ILE B 334 7.07 -14.09 -3.58
N SER B 335 5.90 -14.70 -3.76
CA SER B 335 5.76 -16.07 -4.26
C SER B 335 4.37 -16.19 -4.88
N ALA B 336 4.07 -17.38 -5.40
CA ALA B 336 2.76 -17.57 -6.01
C ALA B 336 1.64 -17.25 -5.03
N ASP B 337 1.81 -17.49 -3.71
CA ASP B 337 0.79 -17.15 -2.72
C ASP B 337 1.22 -16.14 -1.68
N ARG B 338 2.11 -15.23 -2.05
CA ARG B 338 2.51 -14.18 -1.11
C ARG B 338 2.83 -12.89 -1.84
N THR B 339 2.25 -11.79 -1.38
CA THR B 339 2.46 -10.46 -1.96
C THR B 339 2.53 -9.43 -0.85
N LEU B 340 3.58 -8.64 -0.78
CA LEU B 340 3.57 -7.48 0.11
C LEU B 340 2.98 -6.27 -0.63
N ILE B 341 2.05 -5.56 0.01
CA ILE B 341 1.52 -4.27 -0.47
C ILE B 341 2.07 -3.16 0.42
N GLU B 342 2.77 -2.21 -0.16
CA GLU B 342 3.32 -1.07 0.55
C GLU B 342 2.51 0.16 0.16
N SER B 343 1.87 0.80 1.13
CA SER B 343 1.03 1.96 0.80
C SER B 343 1.62 3.25 1.35
N TRP B 344 1.97 4.17 0.44
CA TRP B 344 2.68 5.41 0.73
C TRP B 344 1.76 6.60 0.47
N THR B 345 2.13 7.75 1.03
CA THR B 345 1.40 8.99 0.73
C THR B 345 2.37 10.12 0.45
N PHE B 346 1.85 11.14 -0.22
CA PHE B 346 2.57 12.35 -0.52
C PHE B 346 1.96 13.58 0.14
N ARG B 347 2.83 14.48 0.60
CA ARG B 347 2.46 15.85 0.87
C ARG B 347 2.42 16.65 -0.43
N LEU B 348 1.37 17.44 -0.57
CA LEU B 348 1.26 18.42 -1.63
C LEU B 348 2.09 19.62 -1.17
N LYS B 349 3.24 19.86 -1.79
CA LYS B 349 4.08 20.97 -1.36
C LYS B 349 3.32 22.28 -1.45
N GLY B 350 3.41 23.07 -0.39
CA GLY B 350 2.75 24.35 -0.33
C GLY B 350 1.30 24.34 0.10
N ALA B 351 0.69 23.15 0.32
CA ALA B 351 -0.70 23.07 0.72
C ALA B 351 -0.79 23.21 2.24
N PRO B 352 -1.91 23.67 2.76
CA PRO B 352 -2.10 23.71 4.21
C PRO B 352 -2.07 22.30 4.80
N PRO B 353 -1.80 22.21 6.09
CA PRO B 353 -1.57 20.89 6.69
C PRO B 353 -2.79 19.99 6.64
N GLU B 354 -3.98 20.55 6.50
CA GLU B 354 -5.18 19.71 6.45
C GLU B 354 -5.14 18.71 5.31
N LEU B 355 -4.50 19.05 4.19
CA LEU B 355 -4.52 18.10 3.06
C LEU B 355 -3.80 16.81 3.43
N LEU B 356 -2.59 16.91 4.02
CA LEU B 356 -1.89 15.68 4.41
C LEU B 356 -2.62 14.97 5.54
N GLN B 357 -3.34 15.72 6.38
CA GLN B 357 -4.14 15.09 7.42
C GLN B 357 -5.19 14.18 6.80
N ARG B 358 -5.87 14.65 5.76
CA ARG B 358 -6.90 13.84 5.12
C ARG B 358 -6.32 12.63 4.41
N THR B 359 -5.17 12.81 3.76
CA THR B 359 -4.53 11.74 3.01
C THR B 359 -4.02 10.67 3.95
N THR B 360 -3.38 11.07 5.07
CA THR B 360 -2.88 10.05 5.99
C THR B 360 -4.02 9.35 6.70
N MET B 361 -5.13 10.04 6.92
CA MET B 361 -6.29 9.37 7.49
C MET B 361 -6.83 8.33 6.54
N TYR B 362 -6.90 8.66 5.24
CA TYR B 362 -7.38 7.70 4.25
C TYR B 362 -6.49 6.49 4.20
N ASN B 363 -5.18 6.72 4.16
CA ASN B 363 -4.23 5.62 4.09
C ASN B 363 -4.46 4.65 5.25
N ARG B 364 -4.66 5.17 6.48
CA ARG B 364 -4.94 4.30 7.63
C ARG B 364 -6.23 3.53 7.44
N LEU B 365 -7.29 4.25 7.07
CA LEU B 365 -8.62 3.67 7.04
C LEU B 365 -8.74 2.53 6.04
N ILE B 366 -8.08 2.66 4.89
CA ILE B 366 -8.26 1.71 3.80
C ILE B 366 -7.10 0.73 3.68
N ASN B 367 -5.87 1.15 3.95
CA ASN B 367 -4.73 0.36 3.51
C ASN B 367 -3.86 -0.21 4.62
N SER B 368 -4.17 0.00 5.86
CA SER B 368 -3.39 -0.58 6.97
C SER B 368 -3.69 -2.08 7.12
N PRO B 369 -2.75 -2.88 7.63
CA PRO B 369 -3.08 -4.26 8.04
C PRO B 369 -4.15 -4.33 9.09
N PHE B 370 -4.46 -3.22 9.77
CA PHE B 370 -5.56 -3.14 10.74
C PHE B 370 -6.89 -2.66 10.13
N SER B 371 -6.93 -2.35 8.82
CA SER B 371 -8.15 -1.81 8.20
C SER B 371 -9.18 -2.91 7.96
N VAL B 372 -10.44 -2.63 8.32
CA VAL B 372 -11.47 -3.65 8.05
C VAL B 372 -11.73 -3.80 6.55
N VAL B 373 -11.57 -2.72 5.79
CA VAL B 373 -11.74 -2.83 4.35
C VAL B 373 -10.65 -3.70 3.74
N GLY B 374 -9.42 -3.51 4.22
CA GLY B 374 -8.33 -4.37 3.80
C GLY B 374 -8.56 -5.83 4.20
N HIS B 375 -9.10 -6.07 5.40
CA HIS B 375 -9.42 -7.43 5.84
C HIS B 375 -10.43 -8.05 4.90
N ASP B 376 -11.46 -7.25 4.53
CA ASP B 376 -12.51 -7.69 3.61
C ASP B 376 -11.91 -8.22 2.32
N ASP B 377 -11.01 -7.44 1.71
CA ASP B 377 -10.52 -7.85 0.40
C ASP B 377 -9.50 -8.97 0.50
N LEU B 378 -8.67 -8.94 1.55
CA LEU B 378 -7.73 -10.04 1.75
C LEU B 378 -8.47 -11.36 1.95
N GLN B 379 -9.57 -11.33 2.70
CA GLN B 379 -10.36 -12.53 2.87
C GLN B 379 -10.83 -13.10 1.53
N ALA B 380 -11.27 -12.23 0.63
CA ALA B 380 -11.71 -12.67 -0.69
C ALA B 380 -10.53 -13.27 -1.46
N TYR B 381 -9.37 -12.60 -1.41
CA TYR B 381 -8.20 -13.14 -2.13
C TYR B 381 -7.80 -14.50 -1.58
N ARG B 382 -7.78 -14.65 -0.25
CA ARG B 382 -7.37 -15.95 0.30
C ARG B 382 -8.38 -17.03 -0.02
N GLY B 383 -9.64 -16.65 -0.09
CA GLY B 383 -10.67 -17.59 -0.52
C GLY B 383 -10.47 -18.10 -1.93
N MET B 384 -10.09 -17.22 -2.87
CA MET B 384 -9.72 -17.70 -4.19
C MET B 384 -8.41 -18.44 -4.19
N GLN B 385 -7.41 -17.97 -3.44
CA GLN B 385 -6.12 -18.67 -3.42
C GLN B 385 -6.31 -20.14 -3.02
N ALA B 386 -7.18 -20.40 -2.04
CA ALA B 386 -7.50 -21.77 -1.67
C ALA B 386 -8.42 -22.45 -2.68
N GLY B 387 -9.53 -21.79 -3.02
CA GLY B 387 -10.53 -22.41 -3.89
C GLY B 387 -9.99 -22.85 -5.23
N LEU B 388 -9.06 -22.06 -5.82
CA LEU B 388 -8.60 -22.36 -7.17
C LEU B 388 -7.80 -23.66 -7.27
N HIS B 389 -7.41 -24.27 -6.15
CA HIS B 389 -6.85 -25.60 -6.22
C HIS B 389 -7.84 -26.70 -6.60
N ALA B 390 -9.13 -26.39 -6.67
CA ALA B 390 -10.11 -27.38 -7.09
C ALA B 390 -9.86 -27.81 -8.52
N SER B 391 -10.26 -29.02 -8.83
CA SER B 391 -10.23 -29.55 -10.20
C SER B 391 -11.64 -29.47 -10.80
N GLY B 392 -11.79 -30.01 -12.01
CA GLY B 392 -13.02 -29.86 -12.77
C GLY B 392 -12.92 -28.58 -13.58
N ASN B 393 -13.63 -27.54 -13.17
CA ASN B 393 -13.52 -26.25 -13.83
C ASN B 393 -12.24 -25.60 -13.33
N GLU B 394 -11.24 -25.48 -14.21
CA GLU B 394 -9.98 -24.86 -13.84
C GLU B 394 -9.80 -23.43 -14.35
N TRP B 395 -10.85 -22.83 -14.94
CA TRP B 395 -10.79 -21.53 -15.59
C TRP B 395 -11.35 -20.44 -14.68
N VAL B 396 -10.73 -19.26 -14.78
CA VAL B 396 -11.20 -18.04 -14.15
C VAL B 396 -11.93 -17.26 -15.25
N SER B 397 -13.24 -17.11 -15.07
CA SER B 397 -14.07 -16.40 -16.04
C SER B 397 -13.73 -14.92 -16.06
N LEU B 398 -13.45 -14.40 -17.26
CA LEU B 398 -13.30 -12.96 -17.44
C LEU B 398 -14.22 -12.47 -18.54
N HIS B 399 -15.39 -13.10 -18.65
CA HIS B 399 -16.25 -12.89 -19.80
C HIS B 399 -17.07 -11.61 -19.76
N ARG B 400 -17.19 -10.93 -18.62
CA ARG B 400 -18.20 -9.87 -18.49
C ARG B 400 -17.94 -8.76 -19.51
N ASN B 401 -18.93 -8.53 -20.36
CA ASN B 401 -18.93 -7.51 -21.41
C ASN B 401 -17.84 -7.73 -22.45
N TYR B 402 -17.30 -8.93 -22.57
CA TYR B 402 -16.35 -9.24 -23.63
C TYR B 402 -16.98 -8.96 -25.00
N ASP B 403 -16.22 -8.28 -25.86
CA ASP B 403 -16.65 -8.06 -27.23
C ASP B 403 -15.38 -8.13 -28.07
N PRO B 404 -15.35 -8.90 -29.16
CA PRO B 404 -14.08 -9.02 -29.92
C PRO B 404 -13.58 -7.71 -30.52
N SER B 405 -14.43 -6.69 -30.65
CA SER B 405 -13.95 -5.38 -31.09
C SER B 405 -12.87 -4.84 -30.17
N GLU B 406 -12.83 -5.32 -28.93
CA GLU B 406 -11.81 -4.83 -28.01
C GLU B 406 -10.42 -5.29 -28.37
N LEU B 407 -10.29 -6.30 -29.23
CA LEU B 407 -8.99 -6.92 -29.52
C LEU B 407 -8.08 -5.96 -30.27
N LYS B 408 -8.63 -4.89 -30.85
CA LYS B 408 -7.85 -3.84 -31.48
C LYS B 408 -6.95 -3.13 -30.50
N GLY B 409 -7.23 -3.23 -29.19
CA GLY B 409 -6.43 -2.52 -28.23
C GLY B 409 -6.56 -1.02 -28.42
N GLY B 410 -5.49 -0.31 -28.06
CA GLY B 410 -5.56 1.12 -27.96
C GLY B 410 -6.30 1.59 -26.71
N GLU B 411 -6.46 2.91 -26.62
CA GLU B 411 -7.24 3.47 -25.53
C GLU B 411 -8.70 3.13 -25.74
N ILE B 412 -9.34 2.59 -24.70
CA ILE B 412 -10.74 2.23 -24.76
C ILE B 412 -11.43 2.77 -23.52
N THR B 413 -12.55 3.47 -23.71
CA THR B 413 -13.38 3.91 -22.61
C THR B 413 -14.65 3.07 -22.59
N THR B 414 -14.95 2.47 -21.44
CA THR B 414 -15.99 1.46 -21.40
C THR B 414 -16.75 1.57 -20.08
N GLY B 415 -17.80 0.76 -19.96
CA GLY B 415 -18.57 0.73 -18.74
C GLY B 415 -17.76 0.23 -17.55
N GLY B 416 -18.19 0.69 -16.37
CA GLY B 416 -17.42 0.47 -15.16
C GLY B 416 -17.43 -0.96 -14.64
N THR B 417 -18.38 -1.80 -15.08
CA THR B 417 -18.39 -3.20 -14.64
C THR B 417 -17.74 -4.13 -15.65
N ASN B 418 -17.28 -3.60 -16.80
CA ASN B 418 -16.62 -4.40 -17.83
C ASN B 418 -15.32 -5.02 -17.30
N GLU B 419 -15.15 -6.34 -17.47
CA GLU B 419 -13.90 -7.01 -17.07
C GLU B 419 -12.74 -6.80 -18.06
N LEU B 420 -12.91 -5.91 -19.04
CA LEU B 420 -11.86 -5.59 -20.01
C LEU B 420 -10.48 -5.33 -19.42
N PRO B 421 -10.30 -4.47 -18.41
CA PRO B 421 -8.94 -4.23 -17.93
C PRO B 421 -8.25 -5.52 -17.53
N MET B 422 -8.98 -6.49 -16.97
CA MET B 422 -8.33 -7.75 -16.56
C MET B 422 -7.95 -8.59 -17.77
N ARG B 423 -8.83 -8.64 -18.77
CA ARG B 423 -8.53 -9.37 -20.01
C ARG B 423 -7.32 -8.75 -20.70
N ASN B 424 -7.29 -7.43 -20.76
CA ASN B 424 -6.19 -6.69 -21.37
C ASN B 424 -4.89 -7.00 -20.65
N GLN B 425 -4.92 -7.02 -19.32
CA GLN B 425 -3.71 -7.31 -18.54
C GLN B 425 -3.11 -8.67 -18.89
N TYR B 426 -3.96 -9.71 -19.10
CA TYR B 426 -3.39 -11.04 -19.35
C TYR B 426 -2.98 -11.18 -20.80
N ARG B 427 -3.57 -10.41 -21.72
CA ARG B 427 -2.99 -10.32 -23.06
C ARG B 427 -1.58 -9.75 -23.01
N ALA B 428 -1.38 -8.68 -22.23
CA ALA B 428 -0.03 -8.15 -22.05
C ALA B 428 0.87 -9.16 -21.35
N TRP B 429 0.36 -9.81 -20.31
CA TRP B 429 1.14 -10.81 -19.59
C TRP B 429 1.65 -11.91 -20.52
N VAL B 430 0.80 -12.41 -21.43
CA VAL B 430 1.25 -13.50 -22.31
C VAL B 430 2.37 -13.05 -23.22
N GLN B 431 2.25 -11.84 -23.75
CA GLN B 431 3.24 -11.32 -24.67
C GLN B 431 4.58 -11.15 -23.97
N ARG B 432 4.56 -10.52 -22.78
CA ARG B 432 5.78 -10.23 -22.04
C ARG B 432 6.40 -11.52 -21.51
N MET B 433 5.58 -12.53 -21.18
CA MET B 433 6.09 -13.85 -20.77
C MET B 433 6.82 -14.54 -21.90
N THR B 434 6.20 -14.64 -23.06
CA THR B 434 6.67 -15.53 -24.10
C THR B 434 7.71 -14.90 -25.04
N GLU B 435 7.79 -13.56 -25.11
CA GLU B 435 8.69 -12.93 -26.08
C GLU B 435 10.16 -13.28 -25.82
N THR B 436 10.54 -13.57 -24.58
CA THR B 436 11.92 -13.93 -24.26
C THR B 436 12.11 -15.42 -23.99
N MET B 437 11.08 -16.24 -24.26
CA MET B 437 11.23 -17.69 -24.24
C MET B 437 11.50 -18.39 -25.57
C ACT C . 6.65 6.79 23.10
O ACT C . 7.54 7.03 23.99
OXT ACT C . 5.43 6.70 23.40
CH3 ACT C . 7.03 6.57 21.64
H1 ACT C . 6.86 7.49 21.09
H2 ACT C . 6.43 5.78 21.23
H3 ACT C . 8.08 6.31 21.58
FE1 FES D . 34.69 -8.06 -2.32
FE2 FES D . 32.70 -6.27 -2.74
S1 FES D . 34.81 -5.83 -2.52
S2 FES D . 32.48 -8.52 -2.52
C1 GOL E . 9.20 2.41 -3.77
O1 GOL E . 8.30 1.31 -3.94
C2 GOL E . 9.01 3.03 -2.44
O2 GOL E . 10.24 3.61 -1.95
C3 GOL E . 7.90 4.18 -2.59
O3 GOL E . 8.30 5.17 -3.53
H11 GOL E . 9.07 3.09 -4.45
H12 GOL E . 10.13 2.14 -3.84
HO1 GOL E . 7.60 1.50 -3.47
H2 GOL E . 8.70 2.35 -1.84
HO2 GOL E . 10.41 3.32 -1.21
H31 GOL E . 7.76 4.55 -1.70
H32 GOL E . 7.07 3.76 -2.83
HO3 GOL E . 9.07 5.47 -3.24
C ACT F . 12.64 6.81 2.01
O ACT F . 12.90 5.56 2.20
OXT ACT F . 11.42 7.21 2.06
CH3 ACT F . 13.80 7.81 1.70
H1 ACT F . 13.40 8.66 1.17
H2 ACT F . 14.56 7.32 1.11
H3 ACT F . 14.24 8.15 2.64
C ACT G . 8.57 -17.39 -28.33
O ACT G . 9.03 -17.80 -27.23
OXT ACT G . 9.22 -16.58 -29.06
CH3 ACT G . 7.21 -17.91 -28.78
H1 ACT G . 7.34 -18.56 -29.64
H2 ACT G . 6.58 -17.07 -29.06
H3 ACT G . 6.75 -18.46 -27.98
FE FE H . -12.52 -3.71 -1.89
#